data_1AM0
#
_entry.id   1AM0
#
_cell.length_a   1.000
_cell.length_b   1.000
_cell.length_c   1.000
_cell.angle_alpha   90.00
_cell.angle_beta   90.00
_cell.angle_gamma   90.00
#
_symmetry.space_group_name_H-M   'P 1'
#
loop_
_entity.id
_entity.type
_entity.pdbx_description
1 polymer 'RNA APTAMER'
2 non-polymer 'ADENOSINE MONOPHOSPHATE'
#
_entity_poly.entity_id   1
_entity_poly.type   'polyribonucleotide'
_entity_poly.pdbx_seq_one_letter_code
;GGGUUGGGAAGAAACUGUGGCACUUCGGUGCCAGCAACCC
;
_entity_poly.pdbx_strand_id   A
#